data_5CJJ
#
_entry.id   5CJJ
#
_cell.length_a   65.162
_cell.length_b   65.162
_cell.length_c   368.905
_cell.angle_alpha   90.00
_cell.angle_beta   90.00
_cell.angle_gamma   120.00
#
_symmetry.space_group_name_H-M   'P 61 2 2'
#
loop_
_entity.id
_entity.type
_entity.pdbx_description
1 polymer 'Phosphoribosylglycinamide formyltransferase'
2 non-polymer GLYCEROL
3 non-polymer DI(HYDROXYETHYL)ETHER
4 non-polymer 'CHLORIDE ION'
5 non-polymer 'SULFATE ION'
6 water water
#
_entity_poly.entity_id   1
_entity_poly.type   'polypeptide(L)'
_entity_poly.pdbx_seq_one_letter_code
;SNA(MSE)LVKLAVLFSGNGSNLENILEKLHKKTIGENTYEIVLCLCNKKDAFGIQRAKKFGLNTVIIDHKAYNTREEFD
TILVQKIKESGANLTVLAGF(MSE)RILSPVFTKNIKAINLHPSLLPLFKGAHAIKESYESD(MSE)KVAGVSVHWVSEE
LDGG(MSE)IIAQKAFEKRNLSFEEFEEKIHSLEHEILPLSVIEIFS
;
_entity_poly.pdbx_strand_id   A,B
#
# COMPACT_ATOMS: atom_id res chain seq x y z
N ASN A 2 27.60 1.60 25.52
CA ASN A 2 26.68 1.34 24.44
C ASN A 2 25.40 2.15 24.59
N ALA A 3 25.50 3.27 25.29
CA ALA A 3 24.36 4.15 25.52
C ALA A 3 24.35 5.35 24.58
N LEU A 5 22.62 9.45 23.86
CA LEU A 5 21.76 10.60 24.06
C LEU A 5 21.45 11.21 22.70
N VAL A 6 20.21 11.06 22.26
CA VAL A 6 19.83 11.51 20.93
C VAL A 6 19.24 12.91 20.95
N LYS A 7 19.97 13.86 20.38
CA LYS A 7 19.48 15.23 20.26
C LYS A 7 18.67 15.39 18.98
N LEU A 8 17.52 16.05 19.10
CA LEU A 8 16.60 16.18 17.98
C LEU A 8 16.25 17.63 17.66
N ALA A 9 16.08 17.92 16.38
CA ALA A 9 15.60 19.21 15.92
C ALA A 9 14.26 19.03 15.22
N VAL A 10 13.27 19.83 15.58
CA VAL A 10 11.94 19.74 14.98
C VAL A 10 11.57 21.04 14.30
N LEU A 11 11.32 20.97 13.00
CA LEU A 11 10.99 22.16 12.20
C LEU A 11 9.49 22.27 11.95
N PHE A 12 8.96 23.48 12.14
CA PHE A 12 7.53 23.71 11.97
C PHE A 12 7.28 25.12 11.43
N SER A 13 6.10 25.32 10.84
CA SER A 13 5.79 26.61 10.23
C SER A 13 4.48 27.21 10.73
N GLY A 14 3.68 26.43 11.46
CA GLY A 14 2.37 26.88 11.87
C GLY A 14 1.84 26.39 13.20
N ASN A 15 0.87 25.47 13.13
CA ASN A 15 0.09 25.03 14.29
C ASN A 15 0.89 24.57 15.51
N GLY A 16 1.68 23.50 15.34
CA GLY A 16 2.48 22.98 16.42
C GLY A 16 1.97 21.67 17.00
N SER A 17 1.02 21.06 16.30
CA SER A 17 0.44 19.78 16.72
C SER A 17 1.47 18.65 16.74
N ASN A 18 2.00 18.30 15.57
CA ASN A 18 3.01 17.26 15.46
C ASN A 18 4.26 17.58 16.26
N LEU A 19 4.52 18.88 16.42
CA LEU A 19 5.62 19.34 17.26
C LEU A 19 5.37 18.98 18.72
N GLU A 20 4.18 19.29 19.21
CA GLU A 20 3.85 19.03 20.61
C GLU A 20 3.77 17.54 20.92
N ASN A 21 3.31 16.76 19.95
CA ASN A 21 3.21 15.31 20.14
C ASN A 21 4.57 14.65 20.26
N ILE A 22 5.56 15.20 19.56
CA ILE A 22 6.91 14.64 19.61
C ILE A 22 7.62 14.99 20.92
N LEU A 23 7.20 16.09 21.53
CA LEU A 23 7.82 16.56 22.78
C LEU A 23 7.38 15.71 23.96
N GLU A 24 6.06 15.50 24.06
CA GLU A 24 5.49 14.73 25.16
C GLU A 24 6.05 13.31 25.26
N LYS A 25 6.42 12.75 24.12
CA LYS A 25 6.83 11.35 24.07
C LYS A 25 8.34 11.16 23.94
N LEU A 26 9.09 12.24 23.75
CA LEU A 26 10.53 12.12 23.51
C LEU A 26 11.41 13.07 24.31
N HIS A 27 10.94 14.29 24.54
CA HIS A 27 11.77 15.32 25.17
C HIS A 27 12.21 14.94 26.59
N LYS A 28 13.50 14.70 26.75
CA LYS A 28 14.11 14.30 28.02
C LYS A 28 13.58 12.97 28.57
N LYS A 29 12.74 12.30 27.79
CA LYS A 29 12.24 10.98 28.14
C LYS A 29 13.31 9.93 27.84
N THR A 30 13.39 8.92 28.69
CA THR A 30 14.30 7.81 28.46
C THR A 30 13.53 6.58 28.02
N ILE A 31 13.82 6.11 26.81
CA ILE A 31 13.13 4.95 26.26
C ILE A 31 14.12 3.87 25.83
N GLY A 32 14.22 2.82 26.64
CA GLY A 32 15.15 1.74 26.36
C GLY A 32 16.56 2.13 26.74
N GLU A 33 17.50 1.84 25.83
CA GLU A 33 18.91 2.14 26.08
C GLU A 33 19.24 3.55 25.61
N ASN A 34 18.26 4.21 24.99
CA ASN A 34 18.46 5.56 24.47
C ASN A 34 17.69 6.63 25.24
N THR A 35 18.31 7.80 25.38
CA THR A 35 17.65 8.97 25.96
C THR A 35 17.57 10.05 24.90
N TYR A 36 16.43 10.73 24.82
CA TYR A 36 16.19 11.71 23.78
C TYR A 36 15.94 13.10 24.33
N GLU A 37 16.32 14.12 23.58
CA GLU A 37 15.95 15.49 23.91
C GLU A 37 15.89 16.35 22.65
N ILE A 38 14.93 17.27 22.61
CA ILE A 38 14.80 18.20 21.51
C ILE A 38 15.63 19.44 21.79
N VAL A 39 16.66 19.64 20.99
CA VAL A 39 17.60 20.74 21.20
C VAL A 39 17.30 21.94 20.31
N LEU A 40 16.31 21.80 19.44
CA LEU A 40 15.96 22.87 18.52
C LEU A 40 14.51 22.82 18.03
N CYS A 41 13.80 23.93 18.17
CA CYS A 41 12.49 24.11 17.55
C CYS A 41 12.58 25.34 16.65
N LEU A 42 12.30 25.15 15.36
CA LEU A 42 12.53 26.21 14.39
C LEU A 42 11.24 26.59 13.65
N CYS A 43 11.07 27.89 13.45
CA CYS A 43 9.92 28.41 12.72
C CYS A 43 10.33 29.54 11.79
N ASN A 44 9.61 29.70 10.69
CA ASN A 44 9.93 30.73 9.71
C ASN A 44 8.95 31.90 9.73
N LYS A 45 7.85 31.71 10.46
CA LYS A 45 6.83 32.75 10.59
C LYS A 45 6.56 33.05 12.06
N LYS A 46 6.76 34.30 12.46
CA LYS A 46 6.65 34.69 13.86
C LYS A 46 5.22 34.57 14.41
N ASP A 47 4.24 34.66 13.52
CA ASP A 47 2.84 34.64 13.94
C ASP A 47 2.32 33.24 14.22
N ALA A 48 3.14 32.24 13.93
CA ALA A 48 2.75 30.85 14.15
C ALA A 48 2.52 30.56 15.63
N PHE A 49 1.52 29.72 15.91
CA PHE A 49 1.09 29.45 17.28
C PHE A 49 1.96 28.42 17.98
N GLY A 50 2.64 27.58 17.20
CA GLY A 50 3.47 26.52 17.75
C GLY A 50 4.63 27.02 18.59
N ILE A 51 4.95 28.31 18.45
CA ILE A 51 6.03 28.91 19.21
C ILE A 51 5.71 28.94 20.70
N GLN A 52 4.48 29.33 21.04
CA GLN A 52 4.05 29.36 22.42
C GLN A 52 3.77 27.94 22.92
N ARG A 53 3.52 27.03 22.01
CA ARG A 53 3.38 25.62 22.35
C ARG A 53 4.73 25.05 22.74
N ALA A 54 5.77 25.54 22.08
CA ALA A 54 7.14 25.12 22.40
C ALA A 54 7.57 25.67 23.75
N LYS A 55 7.02 26.82 24.11
CA LYS A 55 7.37 27.47 25.37
C LYS A 55 6.74 26.75 26.56
N LYS A 56 5.92 25.74 26.26
CA LYS A 56 5.29 24.92 27.29
C LYS A 56 6.21 23.79 27.74
N PHE A 57 7.34 23.64 27.06
CA PHE A 57 8.32 22.62 27.44
C PHE A 57 9.65 23.27 27.78
N GLY A 58 9.60 24.58 28.07
CA GLY A 58 10.80 25.33 28.37
C GLY A 58 11.67 25.48 27.14
N LEU A 59 11.04 25.44 25.96
CA LEU A 59 11.77 25.50 24.70
C LEU A 59 11.43 26.74 23.89
N ASN A 60 12.37 27.67 23.84
CA ASN A 60 12.23 28.84 22.98
C ASN A 60 12.37 28.42 21.53
N THR A 61 11.67 29.13 20.65
CA THR A 61 11.68 28.80 19.23
C THR A 61 12.54 29.76 18.42
N VAL A 62 13.48 29.21 17.66
CA VAL A 62 14.28 29.99 16.73
C VAL A 62 13.42 30.42 15.55
N ILE A 63 13.29 31.72 15.37
CA ILE A 63 12.47 32.29 14.31
C ILE A 63 13.30 32.62 13.07
N LYS A 67 9.44 33.27 4.44
CA LYS A 67 9.08 34.31 3.49
C LYS A 67 9.75 35.64 3.85
N ALA A 68 10.92 35.55 4.46
CA ALA A 68 11.68 36.73 4.85
C ALA A 68 12.93 36.85 3.97
N TYR A 69 13.10 35.88 3.07
CA TYR A 69 14.19 35.91 2.10
C TYR A 69 13.65 35.84 0.69
N ASN A 70 14.36 36.47 -0.25
CA ASN A 70 14.03 36.35 -1.66
C ASN A 70 14.90 35.28 -2.29
N THR A 71 15.75 34.67 -1.46
CA THR A 71 16.67 33.64 -1.91
C THR A 71 16.52 32.39 -1.03
N ARG A 72 16.18 31.27 -1.67
CA ARG A 72 15.97 30.01 -0.96
C ARG A 72 17.29 29.42 -0.47
N GLU A 73 18.32 29.53 -1.31
CA GLU A 73 19.65 29.03 -0.97
C GLU A 73 20.22 29.76 0.24
N GLU A 74 19.94 31.06 0.33
CA GLU A 74 20.38 31.87 1.45
C GLU A 74 19.57 31.54 2.70
N PHE A 75 18.30 31.21 2.49
CA PHE A 75 17.41 30.86 3.59
C PHE A 75 17.75 29.51 4.20
N ASP A 76 17.92 28.50 3.35
CA ASP A 76 18.24 27.14 3.81
C ASP A 76 19.61 27.08 4.47
N THR A 77 20.48 28.02 4.12
CA THR A 77 21.82 28.07 4.70
C THR A 77 21.75 28.34 6.20
N ILE A 78 20.76 29.13 6.60
CA ILE A 78 20.57 29.44 8.02
C ILE A 78 19.98 28.26 8.77
N LEU A 79 19.07 27.54 8.11
CA LEU A 79 18.47 26.34 8.68
C LEU A 79 19.54 25.32 9.01
N VAL A 80 20.42 25.05 8.04
CA VAL A 80 21.53 24.12 8.24
C VAL A 80 22.41 24.59 9.38
N GLN A 81 22.64 25.90 9.43
CA GLN A 81 23.49 26.51 10.45
C GLN A 81 22.94 26.26 11.85
N LYS A 82 21.65 26.55 12.03
CA LYS A 82 21.00 26.40 13.33
C LYS A 82 20.95 24.95 13.81
N ILE A 83 20.62 24.04 12.90
CA ILE A 83 20.54 22.63 13.22
C ILE A 83 21.90 22.06 13.62
N LYS A 84 22.95 22.47 12.92
CA LYS A 84 24.29 21.97 13.19
C LYS A 84 24.86 22.43 14.52
N GLU A 85 24.72 23.72 14.82
CA GLU A 85 25.27 24.28 16.05
C GLU A 85 24.41 23.94 17.26
N SER A 86 23.30 23.24 17.03
CA SER A 86 22.45 22.77 18.11
C SER A 86 22.93 21.39 18.57
N GLY A 87 23.69 20.73 17.71
CA GLY A 87 24.21 19.40 18.02
C GLY A 87 23.20 18.31 17.73
N ALA A 88 22.16 18.66 16.97
CA ALA A 88 21.09 17.72 16.64
C ALA A 88 21.60 16.54 15.81
N ASN A 89 21.27 15.34 16.24
CA ASN A 89 21.69 14.13 15.52
C ASN A 89 20.71 13.80 14.40
N LEU A 90 19.46 14.24 14.56
CA LEU A 90 18.42 14.00 13.58
C LEU A 90 17.44 15.17 13.53
N THR A 91 17.06 15.57 12.33
CA THR A 91 16.07 16.62 12.16
C THR A 91 14.71 16.02 11.77
N VAL A 92 13.67 16.42 12.48
CA VAL A 92 12.33 15.91 12.20
C VAL A 92 11.41 16.99 11.65
N LEU A 93 11.01 16.85 10.40
CA LEU A 93 10.10 17.80 9.77
C LEU A 93 8.66 17.53 10.21
N ALA A 94 8.12 18.47 10.97
CA ALA A 94 6.75 18.33 11.49
C ALA A 94 5.89 19.53 11.11
N GLY A 95 5.11 19.36 10.05
CA GLY A 95 4.26 20.43 9.56
C GLY A 95 5.06 21.57 8.97
N PHE A 96 6.31 21.30 8.62
CA PHE A 96 7.18 22.31 8.00
C PHE A 96 6.80 22.51 6.55
N ARG A 98 7.65 24.28 3.62
CA ARG A 98 8.59 25.04 2.81
C ARG A 98 9.34 24.06 1.91
N ILE A 99 9.80 24.55 0.76
CA ILE A 99 10.58 23.71 -0.15
C ILE A 99 12.06 23.81 0.17
N LEU A 100 12.69 22.67 0.41
CA LEU A 100 14.08 22.64 0.84
C LEU A 100 15.04 22.31 -0.32
N SER A 101 15.95 23.24 -0.57
CA SER A 101 16.96 23.07 -1.61
C SER A 101 17.98 22.00 -1.21
N PRO A 102 18.81 21.54 -2.17
CA PRO A 102 19.89 20.61 -1.84
C PRO A 102 20.85 21.15 -0.79
N VAL A 103 20.84 22.46 -0.56
CA VAL A 103 21.64 23.06 0.50
C VAL A 103 21.26 22.44 1.84
N PHE A 104 19.98 22.09 1.98
CA PHE A 104 19.49 21.41 3.17
C PHE A 104 19.60 19.89 3.03
N THR A 105 19.02 19.37 1.95
CA THR A 105 18.85 17.92 1.79
C THR A 105 20.16 17.14 1.63
N LYS A 106 21.19 17.80 1.13
CA LYS A 106 22.49 17.14 0.93
C LYS A 106 23.34 17.16 2.20
N ASN A 107 23.00 18.04 3.13
CA ASN A 107 23.85 18.27 4.29
C ASN A 107 23.17 18.02 5.63
N ILE A 108 21.87 17.75 5.60
CA ILE A 108 21.12 17.50 6.82
C ILE A 108 20.39 16.16 6.79
N LYS A 109 20.67 15.30 7.77
CA LYS A 109 19.93 14.05 7.91
C LYS A 109 18.56 14.34 8.50
N ALA A 110 17.55 14.37 7.65
CA ALA A 110 16.20 14.74 8.09
C ALA A 110 15.17 13.69 7.71
N ILE A 111 14.09 13.65 8.48
CA ILE A 111 12.98 12.74 8.20
C ILE A 111 11.68 13.51 8.08
N ASN A 112 10.74 12.98 7.30
CA ASN A 112 9.45 13.65 7.12
C ASN A 112 8.29 12.67 7.24
N LEU A 113 7.14 13.20 7.65
CA LEU A 113 5.94 12.39 7.82
C LEU A 113 4.95 12.66 6.70
N HIS A 114 4.45 11.58 6.09
CA HIS A 114 3.50 11.72 4.98
C HIS A 114 2.27 10.85 5.21
N PRO A 115 1.08 11.45 5.11
CA PRO A 115 -0.19 10.78 5.40
C PRO A 115 -0.66 9.87 4.28
N SER A 116 0.25 9.12 3.67
CA SER A 116 -0.13 8.15 2.64
C SER A 116 0.89 7.03 2.57
N LEU A 117 0.51 5.94 1.92
CA LEU A 117 1.42 4.81 1.70
C LEU A 117 2.33 5.11 0.53
N LEU A 118 3.43 5.80 0.78
CA LEU A 118 4.41 6.13 -0.25
C LEU A 118 4.89 4.88 -0.99
N PRO A 119 5.20 5.01 -2.28
CA PRO A 119 5.23 6.25 -3.08
C PRO A 119 3.86 6.71 -3.59
N LEU A 120 2.78 6.07 -3.15
CA LEU A 120 1.44 6.46 -3.57
C LEU A 120 1.04 7.80 -2.97
N PHE A 121 0.32 8.60 -3.76
CA PHE A 121 -0.24 9.87 -3.29
C PHE A 121 0.78 10.82 -2.70
N LYS A 122 1.81 11.14 -3.47
CA LYS A 122 2.78 12.15 -3.04
C LYS A 122 2.14 13.52 -3.12
N GLY A 123 2.70 14.48 -2.38
CA GLY A 123 2.19 15.84 -2.41
C GLY A 123 1.32 16.20 -1.23
N ALA A 124 0.69 17.37 -1.29
CA ALA A 124 -0.09 17.89 -0.18
C ALA A 124 -1.44 17.18 0.01
N HIS A 125 -2.18 16.99 -1.07
CA HIS A 125 -3.55 16.50 -0.99
C HIS A 125 -3.63 14.98 -0.85
N ALA A 126 -2.73 14.42 -0.04
CA ALA A 126 -2.64 12.97 0.11
C ALA A 126 -3.88 12.35 0.76
N ILE A 127 -4.33 12.93 1.87
CA ILE A 127 -5.47 12.40 2.60
C ILE A 127 -6.74 12.39 1.76
N LYS A 128 -6.97 13.48 1.04
CA LYS A 128 -8.12 13.61 0.18
C LYS A 128 -8.09 12.59 -0.96
N GLU A 129 -7.00 12.60 -1.72
CA GLU A 129 -6.85 11.73 -2.88
C GLU A 129 -6.88 10.25 -2.53
N SER A 130 -6.37 9.90 -1.35
CA SER A 130 -6.32 8.50 -0.93
C SER A 130 -7.69 7.99 -0.49
N TYR A 131 -8.50 8.90 0.05
CA TYR A 131 -9.85 8.53 0.48
C TYR A 131 -10.77 8.35 -0.73
N GLU A 132 -10.65 9.27 -1.69
CA GLU A 132 -11.47 9.23 -2.90
C GLU A 132 -11.00 8.13 -3.83
N SER A 133 -9.80 7.61 -3.57
CA SER A 133 -9.24 6.53 -4.37
C SER A 133 -10.09 5.27 -4.28
N ASP A 134 -10.04 4.44 -5.32
CA ASP A 134 -10.77 3.18 -5.33
C ASP A 134 -10.00 2.12 -4.57
N LYS A 136 -8.63 0.23 -1.31
CA LYS A 136 -9.39 -0.15 -0.11
C LYS A 136 -8.53 -0.01 1.15
N VAL A 137 -7.24 0.20 0.96
CA VAL A 137 -6.33 0.41 2.09
C VAL A 137 -5.64 1.77 1.99
N ALA A 138 -5.24 2.30 3.14
CA ALA A 138 -4.53 3.56 3.21
C ALA A 138 -3.56 3.50 4.38
N GLY A 139 -2.86 4.60 4.64
CA GLY A 139 -1.93 4.63 5.75
C GLY A 139 -1.07 5.88 5.83
N VAL A 140 0.05 5.77 6.54
CA VAL A 140 0.97 6.89 6.71
C VAL A 140 2.40 6.39 6.51
N SER A 141 3.30 7.30 6.16
CA SER A 141 4.68 6.92 5.91
C SER A 141 5.69 7.89 6.54
N VAL A 142 6.83 7.34 6.94
CA VAL A 142 7.95 8.15 7.38
C VAL A 142 9.15 7.84 6.50
N HIS A 143 9.76 8.88 5.95
CA HIS A 143 10.84 8.69 5.00
C HIS A 143 11.95 9.71 5.23
N TRP A 144 13.15 9.37 4.79
CA TRP A 144 14.27 10.31 4.80
C TRP A 144 14.02 11.41 3.80
N VAL A 145 14.56 12.59 4.06
CA VAL A 145 14.41 13.71 3.16
C VAL A 145 15.53 13.71 2.12
N SER A 146 15.16 13.71 0.85
CA SER A 146 16.13 13.72 -0.24
C SER A 146 15.85 14.87 -1.18
N GLU A 147 16.50 14.86 -2.35
CA GLU A 147 16.27 15.89 -3.35
C GLU A 147 14.95 15.62 -4.07
N GLU A 148 14.53 14.36 -4.06
CA GLU A 148 13.27 13.97 -4.67
C GLU A 148 12.11 14.16 -3.69
N LEU A 149 11.13 14.96 -4.10
CA LEU A 149 9.99 15.32 -3.25
C LEU A 149 9.21 14.10 -2.82
N ASP A 150 9.17 13.84 -1.52
CA ASP A 150 8.49 12.67 -0.94
C ASP A 150 9.02 11.36 -1.51
N GLY A 151 10.24 11.38 -2.02
CA GLY A 151 10.81 10.22 -2.68
C GLY A 151 11.97 9.60 -1.94
N GLY A 152 12.29 10.15 -0.77
CA GLY A 152 13.39 9.63 0.03
C GLY A 152 13.14 8.21 0.49
N ILE A 154 12.11 5.17 2.33
CA ILE A 154 11.04 4.95 3.31
C ILE A 154 11.57 4.26 4.57
N ILE A 155 11.31 4.88 5.71
CA ILE A 155 11.75 4.35 7.00
C ILE A 155 10.72 3.39 7.58
N ALA A 156 9.49 3.86 7.70
CA ALA A 156 8.41 3.04 8.25
C ALA A 156 7.05 3.49 7.73
N GLN A 157 6.15 2.53 7.58
CA GLN A 157 4.77 2.84 7.18
C GLN A 157 3.77 1.81 7.73
N LYS A 158 2.61 2.32 8.14
CA LYS A 158 1.55 1.47 8.68
C LYS A 158 0.31 1.56 7.81
N ALA A 159 -0.32 0.42 7.54
CA ALA A 159 -1.49 0.38 6.67
C ALA A 159 -2.73 -0.08 7.42
N PHE A 160 -3.88 0.44 7.01
CA PHE A 160 -5.15 0.06 7.59
C PHE A 160 -6.23 -0.06 6.51
N GLU A 161 -7.38 -0.60 6.87
CA GLU A 161 -8.45 -0.81 5.91
C GLU A 161 -9.51 0.28 5.99
N LYS A 162 -9.79 0.91 4.86
CA LYS A 162 -10.67 2.08 4.80
C LYS A 162 -12.11 1.75 5.15
N ARG A 163 -12.62 0.64 4.60
CA ARG A 163 -13.97 0.16 4.89
C ARG A 163 -15.05 1.20 4.60
N ASN A 164 -15.92 1.42 5.57
CA ASN A 164 -17.05 2.34 5.40
C ASN A 164 -16.87 3.61 6.21
N LEU A 165 -15.62 3.94 6.52
CA LEU A 165 -15.31 5.15 7.28
C LEU A 165 -15.67 6.41 6.49
N SER A 166 -16.23 7.39 7.18
CA SER A 166 -16.48 8.69 6.56
C SER A 166 -15.15 9.41 6.41
N PHE A 167 -15.15 10.55 5.73
CA PHE A 167 -13.91 11.30 5.55
C PHE A 167 -13.37 11.82 6.88
N GLU A 168 -14.28 12.21 7.77
CA GLU A 168 -13.89 12.64 9.11
C GLU A 168 -13.20 11.49 9.85
N GLU A 169 -13.87 10.34 9.87
CA GLU A 169 -13.35 9.16 10.55
C GLU A 169 -12.05 8.66 9.91
N PHE A 170 -11.99 8.74 8.58
CA PHE A 170 -10.79 8.36 7.84
C PHE A 170 -9.64 9.28 8.21
N GLU A 171 -9.89 10.58 8.19
CA GLU A 171 -8.87 11.57 8.49
C GLU A 171 -8.38 11.43 9.93
N GLU A 172 -9.30 11.11 10.83
CA GLU A 172 -8.96 10.93 12.25
C GLU A 172 -8.06 9.72 12.46
N LYS A 173 -8.19 8.72 11.59
CA LYS A 173 -7.36 7.54 11.66
C LYS A 173 -5.95 7.83 11.19
N ILE A 174 -5.83 8.66 10.15
CA ILE A 174 -4.52 9.06 9.63
C ILE A 174 -3.76 9.87 10.68
N HIS A 175 -4.42 10.88 11.24
CA HIS A 175 -3.79 11.76 12.23
C HIS A 175 -3.43 10.99 13.49
N SER A 176 -4.13 9.89 13.74
CA SER A 176 -3.84 9.03 14.88
C SER A 176 -2.65 8.12 14.56
N LEU A 177 -2.65 7.57 13.34
CA LEU A 177 -1.55 6.72 12.89
C LEU A 177 -0.23 7.49 12.80
N GLU A 178 -0.34 8.77 12.48
CA GLU A 178 0.81 9.66 12.43
C GLU A 178 1.45 9.77 13.82
N HIS A 179 0.63 10.15 14.80
CA HIS A 179 1.08 10.33 16.17
C HIS A 179 1.66 9.05 16.75
N GLU A 180 1.29 7.92 16.17
CA GLU A 180 1.90 6.65 16.55
C GLU A 180 3.25 6.54 15.87
N ILE A 181 3.24 6.46 14.54
CA ILE A 181 4.42 6.11 13.77
C ILE A 181 5.60 7.08 13.87
N LEU A 182 5.33 8.38 13.99
CA LEU A 182 6.39 9.39 13.96
C LEU A 182 7.33 9.36 15.19
N PRO A 183 6.77 9.34 16.42
CA PRO A 183 7.67 9.19 17.56
C PRO A 183 8.38 7.85 17.54
N LEU A 184 7.68 6.81 17.08
CA LEU A 184 8.26 5.47 16.99
C LEU A 184 9.38 5.45 15.97
N SER A 185 9.23 6.24 14.91
CA SER A 185 10.19 6.28 13.81
C SER A 185 11.61 6.58 14.29
N VAL A 186 11.75 7.63 15.09
CA VAL A 186 13.05 8.05 15.61
C VAL A 186 13.72 6.93 16.41
N ILE A 187 12.93 6.18 17.17
CA ILE A 187 13.43 5.10 17.99
C ILE A 187 14.14 4.02 17.16
N GLU A 188 13.46 3.50 16.14
CA GLU A 188 14.01 2.42 15.31
C GLU A 188 15.31 2.80 14.62
N ILE A 189 15.46 4.09 14.31
CA ILE A 189 16.64 4.59 13.61
C ILE A 189 17.91 4.39 14.45
N PHE A 190 17.77 4.43 15.77
CA PHE A 190 18.93 4.34 16.65
C PHE A 190 19.04 3.01 17.41
N SER A 191 17.99 2.19 17.29
CA SER A 191 18.05 0.84 17.73
C SER A 191 18.38 -0.04 16.57
N ASN B 2 -35.60 -15.25 -2.40
CA ASN B 2 -34.62 -15.15 -3.46
C ASN B 2 -33.37 -15.99 -3.18
N ALA B 3 -32.95 -16.78 -4.16
CA ALA B 3 -31.75 -17.61 -4.02
C ALA B 3 -31.15 -17.99 -5.37
N LEU B 5 -28.51 -18.95 -8.44
CA LEU B 5 -27.41 -19.90 -8.64
C LEU B 5 -26.27 -19.20 -9.37
N VAL B 6 -25.28 -18.75 -8.62
CA VAL B 6 -24.16 -18.02 -9.20
C VAL B 6 -23.20 -18.98 -9.89
N LYS B 7 -23.14 -18.89 -11.21
CA LYS B 7 -22.21 -19.71 -11.99
C LYS B 7 -20.87 -19.00 -12.14
N LEU B 8 -19.80 -19.74 -11.89
CA LEU B 8 -18.46 -19.16 -11.92
C LEU B 8 -17.54 -19.90 -12.88
N ALA B 9 -16.77 -19.13 -13.65
CA ALA B 9 -15.72 -19.70 -14.49
C ALA B 9 -14.37 -19.28 -13.91
N VAL B 10 -13.48 -20.25 -13.75
CA VAL B 10 -12.17 -19.97 -13.18
C VAL B 10 -11.06 -20.25 -14.18
N LEU B 11 -10.19 -19.26 -14.39
CA LEU B 11 -9.08 -19.39 -15.32
C LEU B 11 -7.74 -19.38 -14.58
N PHE B 12 -6.88 -20.34 -14.91
CA PHE B 12 -5.59 -20.47 -14.25
C PHE B 12 -4.55 -21.00 -15.23
N SER B 13 -3.28 -20.94 -14.83
CA SER B 13 -2.19 -21.32 -15.72
C SER B 13 -1.23 -22.37 -15.12
N GLY B 14 -1.18 -22.44 -13.79
CA GLY B 14 -0.20 -23.29 -13.13
C GLY B 14 -0.70 -24.14 -11.98
N ASN B 15 -0.13 -23.90 -10.80
CA ASN B 15 -0.39 -24.71 -9.61
C ASN B 15 -1.86 -24.78 -9.19
N GLY B 16 -2.58 -23.69 -9.39
CA GLY B 16 -4.01 -23.64 -9.12
C GLY B 16 -4.39 -23.64 -7.65
N SER B 17 -3.55 -23.01 -6.83
CA SER B 17 -3.81 -22.94 -5.39
C SER B 17 -5.03 -22.06 -5.08
N ASN B 18 -5.11 -20.92 -5.76
CA ASN B 18 -6.26 -20.04 -5.62
C ASN B 18 -7.51 -20.64 -6.24
N LEU B 19 -7.32 -21.41 -7.30
CA LEU B 19 -8.43 -22.15 -7.92
C LEU B 19 -9.00 -23.15 -6.92
N GLU B 20 -8.11 -23.95 -6.34
CA GLU B 20 -8.50 -24.96 -5.35
C GLU B 20 -9.17 -24.31 -4.15
N ASN B 21 -8.67 -23.14 -3.76
CA ASN B 21 -9.22 -22.41 -2.62
C ASN B 21 -10.61 -21.86 -2.93
N ILE B 22 -10.82 -21.45 -4.17
CA ILE B 22 -12.13 -21.00 -4.63
C ILE B 22 -13.12 -22.15 -4.55
N LEU B 23 -12.70 -23.30 -5.07
CA LEU B 23 -13.53 -24.50 -5.06
C LEU B 23 -13.88 -24.95 -3.66
N GLU B 24 -12.92 -24.84 -2.74
CA GLU B 24 -13.11 -25.28 -1.37
C GLU B 24 -14.09 -24.41 -0.59
N LYS B 25 -14.22 -23.16 -1.02
CA LYS B 25 -15.07 -22.21 -0.30
C LYS B 25 -16.39 -21.92 -1.00
N LEU B 26 -16.45 -22.14 -2.30
CA LEU B 26 -17.61 -21.73 -3.08
C LEU B 26 -18.33 -22.84 -3.85
N HIS B 27 -17.56 -23.77 -4.42
CA HIS B 27 -18.13 -24.81 -5.28
C HIS B 27 -19.20 -25.66 -4.60
N LYS B 28 -20.40 -25.64 -5.15
CA LYS B 28 -21.56 -26.36 -4.61
C LYS B 28 -21.86 -25.98 -3.17
N LYS B 29 -21.40 -24.81 -2.76
CA LYS B 29 -21.59 -24.34 -1.39
C LYS B 29 -22.57 -23.17 -1.38
N THR B 30 -23.31 -23.04 -0.28
CA THR B 30 -24.35 -22.02 -0.18
C THR B 30 -24.04 -21.00 0.90
N ILE B 31 -23.69 -19.79 0.48
CA ILE B 31 -23.42 -18.70 1.41
C ILE B 31 -24.47 -17.60 1.27
N GLY B 32 -25.16 -17.31 2.36
CA GLY B 32 -26.20 -16.29 2.35
C GLY B 32 -27.34 -16.64 1.44
N GLU B 33 -27.65 -15.75 0.49
CA GLU B 33 -28.73 -15.97 -0.46
C GLU B 33 -28.25 -16.74 -1.68
N ASN B 34 -26.94 -16.89 -1.83
CA ASN B 34 -26.39 -17.48 -3.06
C ASN B 34 -25.87 -18.91 -2.91
N THR B 35 -26.02 -19.68 -3.99
CA THR B 35 -25.43 -21.01 -4.09
C THR B 35 -24.47 -21.02 -5.27
N TYR B 36 -23.18 -21.03 -4.97
CA TYR B 36 -22.15 -20.91 -5.99
C TYR B 36 -21.81 -22.25 -6.64
N GLU B 37 -21.49 -22.20 -7.93
CA GLU B 37 -21.07 -23.38 -8.68
C GLU B 37 -20.07 -23.00 -9.76
N ILE B 38 -18.87 -23.55 -9.66
CA ILE B 38 -17.87 -23.35 -10.71
C ILE B 38 -18.22 -24.23 -11.89
N VAL B 39 -18.68 -23.61 -12.97
CA VAL B 39 -19.19 -24.34 -14.12
C VAL B 39 -18.13 -24.48 -15.22
N LEU B 40 -16.97 -23.86 -14.99
CA LEU B 40 -15.86 -23.97 -15.93
C LEU B 40 -14.49 -23.79 -15.27
N CYS B 41 -13.61 -24.76 -15.49
CA CYS B 41 -12.21 -24.62 -15.14
C CYS B 41 -11.39 -24.67 -16.42
N LEU B 42 -10.69 -23.59 -16.72
CA LEU B 42 -9.94 -23.48 -17.97
C LEU B 42 -8.46 -23.18 -17.72
N CYS B 43 -7.59 -23.86 -18.46
CA CYS B 43 -6.15 -23.62 -18.39
C CYS B 43 -5.52 -23.62 -19.77
N ASN B 44 -4.46 -22.85 -19.94
CA ASN B 44 -3.77 -22.76 -21.22
C ASN B 44 -2.55 -23.68 -21.30
N LYS B 45 -2.31 -24.41 -20.22
CA LYS B 45 -1.19 -25.34 -20.16
C LYS B 45 -1.65 -26.73 -19.72
N LYS B 46 -1.34 -27.73 -20.53
CA LYS B 46 -1.82 -29.09 -20.30
C LYS B 46 -1.16 -29.78 -19.11
N ASP B 47 0.03 -29.35 -18.75
CA ASP B 47 0.78 -30.00 -17.67
C ASP B 47 0.62 -29.29 -16.33
N ALA B 48 -0.30 -28.33 -16.26
CA ALA B 48 -0.54 -27.59 -15.03
C ALA B 48 -1.11 -28.50 -13.94
N PHE B 49 -0.63 -28.30 -12.72
CA PHE B 49 -1.04 -29.14 -11.60
C PHE B 49 -2.44 -28.79 -11.10
N GLY B 50 -2.91 -27.58 -11.43
CA GLY B 50 -4.21 -27.11 -11.02
C GLY B 50 -5.35 -27.95 -11.57
N ILE B 51 -5.06 -28.67 -12.65
CA ILE B 51 -6.03 -29.57 -13.26
C ILE B 51 -6.36 -30.72 -12.30
N GLN B 52 -5.35 -31.22 -11.62
CA GLN B 52 -5.53 -32.31 -10.67
C GLN B 52 -6.32 -31.85 -9.45
N ARG B 53 -6.09 -30.62 -9.03
CA ARG B 53 -6.82 -30.04 -7.90
C ARG B 53 -8.29 -29.91 -8.26
N ALA B 54 -8.56 -29.65 -9.53
CA ALA B 54 -9.91 -29.51 -10.03
C ALA B 54 -10.62 -30.86 -10.08
N LYS B 55 -9.87 -31.92 -10.39
CA LYS B 55 -10.43 -33.26 -10.50
C LYS B 55 -11.06 -33.75 -9.20
N LYS B 56 -10.48 -33.33 -8.09
CA LYS B 56 -10.98 -33.68 -6.76
C LYS B 56 -12.45 -33.29 -6.61
N PHE B 57 -12.80 -32.13 -7.18
CA PHE B 57 -14.16 -31.62 -7.10
C PHE B 57 -15.00 -32.11 -8.28
N GLY B 58 -14.44 -33.03 -9.06
CA GLY B 58 -15.16 -33.65 -10.16
C GLY B 58 -15.22 -32.80 -11.42
N LEU B 59 -14.42 -31.75 -11.47
CA LEU B 59 -14.42 -30.84 -12.60
C LEU B 59 -13.26 -31.12 -13.55
N ASN B 60 -13.57 -31.30 -14.83
CA ASN B 60 -12.55 -31.41 -15.85
C ASN B 60 -12.04 -30.02 -16.25
N THR B 61 -10.80 -29.96 -16.70
CA THR B 61 -10.22 -28.68 -17.11
C THR B 61 -10.04 -28.61 -18.62
N VAL B 62 -10.67 -27.61 -19.24
CA VAL B 62 -10.53 -27.39 -20.66
C VAL B 62 -9.15 -26.81 -20.95
N ILE B 63 -8.41 -27.46 -21.85
CA ILE B 63 -7.07 -27.01 -22.18
C ILE B 63 -7.02 -26.31 -23.53
N ILE B 64 -6.57 -25.06 -23.54
CA ILE B 64 -6.42 -24.30 -24.76
C ILE B 64 -4.98 -23.82 -24.90
N ASP B 65 -4.17 -24.62 -25.59
CA ASP B 65 -2.76 -24.30 -25.80
C ASP B 65 -2.61 -23.02 -26.62
N HIS B 66 -2.02 -22.00 -26.01
CA HIS B 66 -1.84 -20.70 -26.66
C HIS B 66 -0.85 -20.79 -27.82
N LYS B 67 -0.05 -21.86 -27.84
CA LYS B 67 0.90 -22.08 -28.91
C LYS B 67 0.22 -22.70 -30.14
N ALA B 68 -1.00 -23.20 -29.94
CA ALA B 68 -1.74 -23.83 -31.03
C ALA B 68 -2.51 -22.82 -31.87
N TYR B 69 -2.28 -21.54 -31.61
CA TYR B 69 -2.93 -20.48 -32.37
C TYR B 69 -1.96 -19.35 -32.71
N ASN B 70 -2.08 -18.82 -33.92
CA ASN B 70 -1.14 -17.82 -34.42
C ASN B 70 -1.32 -16.43 -33.82
N THR B 71 -2.57 -16.09 -33.47
CA THR B 71 -2.83 -14.78 -32.89
C THR B 71 -3.45 -14.89 -31.49
N ARG B 72 -3.26 -13.85 -30.70
CA ARG B 72 -3.88 -13.77 -29.38
C ARG B 72 -5.40 -13.68 -29.54
N GLU B 73 -5.83 -13.08 -30.65
CA GLU B 73 -7.24 -12.88 -30.92
C GLU B 73 -8.01 -14.17 -31.14
N GLU B 74 -7.50 -15.05 -32.00
CA GLU B 74 -8.16 -16.34 -32.25
C GLU B 74 -8.16 -17.18 -30.99
N PHE B 75 -7.07 -17.07 -30.23
CA PHE B 75 -6.97 -17.73 -28.94
C PHE B 75 -8.06 -17.23 -28.01
N ASP B 76 -8.32 -15.92 -28.08
CA ASP B 76 -9.30 -15.30 -27.18
C ASP B 76 -10.75 -15.62 -27.56
N THR B 77 -11.06 -15.61 -28.85
CA THR B 77 -12.42 -15.92 -29.31
C THR B 77 -12.87 -17.30 -28.86
N ILE B 78 -11.92 -18.20 -28.69
CA ILE B 78 -12.21 -19.56 -28.24
C ILE B 78 -12.40 -19.61 -26.72
N LEU B 79 -11.66 -18.75 -26.02
CA LEU B 79 -11.89 -18.59 -24.58
C LEU B 79 -13.31 -18.10 -24.36
N VAL B 80 -13.73 -17.10 -25.14
CA VAL B 80 -15.03 -16.48 -24.99
C VAL B 80 -16.17 -17.48 -25.15
N GLN B 81 -16.12 -18.23 -26.24
CA GLN B 81 -17.16 -19.20 -26.56
C GLN B 81 -17.32 -20.26 -25.49
N LYS B 82 -16.19 -20.70 -24.92
CA LYS B 82 -16.23 -21.73 -23.89
C LYS B 82 -16.72 -21.18 -22.55
N ILE B 83 -16.46 -19.91 -22.29
CA ILE B 83 -17.03 -19.25 -21.13
C ILE B 83 -18.51 -19.00 -21.37
N LYS B 84 -18.84 -18.61 -22.59
CA LYS B 84 -20.24 -18.38 -22.96
C LYS B 84 -21.05 -19.65 -22.93
N GLU B 85 -20.51 -20.73 -23.49
CA GLU B 85 -21.24 -21.99 -23.55
C GLU B 85 -21.15 -22.75 -22.23
N SER B 86 -20.48 -22.15 -21.24
CA SER B 86 -20.47 -22.69 -19.89
C SER B 86 -21.62 -22.08 -19.11
N GLY B 87 -22.03 -20.89 -19.53
CA GLY B 87 -23.15 -20.21 -18.90
C GLY B 87 -22.76 -19.47 -17.63
N ALA B 88 -21.46 -19.22 -17.48
CA ALA B 88 -20.95 -18.57 -16.28
C ALA B 88 -21.44 -17.13 -16.16
N ASN B 89 -21.58 -16.66 -14.92
CA ASN B 89 -22.03 -15.30 -14.66
C ASN B 89 -20.85 -14.38 -14.37
N LEU B 90 -19.78 -14.96 -13.83
CA LEU B 90 -18.56 -14.22 -13.55
C LEU B 90 -17.34 -15.09 -13.82
N THR B 91 -16.34 -14.52 -14.49
CA THR B 91 -15.10 -15.24 -14.74
C THR B 91 -14.02 -14.77 -13.78
N VAL B 92 -13.42 -15.71 -13.06
CA VAL B 92 -12.40 -15.38 -12.07
C VAL B 92 -11.00 -15.76 -12.56
N LEU B 93 -10.15 -14.76 -12.75
CA LEU B 93 -8.77 -14.98 -13.15
C LEU B 93 -7.90 -15.22 -11.92
N ALA B 94 -7.54 -16.47 -11.70
CA ALA B 94 -6.73 -16.85 -10.54
C ALA B 94 -5.42 -17.48 -10.98
N GLY B 95 -4.42 -16.64 -11.21
CA GLY B 95 -3.13 -17.10 -11.69
C GLY B 95 -3.19 -17.43 -13.18
N PHE B 96 -3.97 -16.66 -13.92
CA PHE B 96 -4.08 -16.82 -15.36
C PHE B 96 -3.06 -15.92 -16.06
N ARG B 98 -2.00 -15.00 -19.11
CA ARG B 98 -2.13 -14.64 -20.52
C ARG B 98 -2.68 -13.23 -20.66
N ILE B 99 -2.03 -12.42 -21.48
CA ILE B 99 -2.55 -11.09 -21.78
C ILE B 99 -3.84 -11.27 -22.57
N LEU B 100 -4.85 -10.47 -22.27
CA LEU B 100 -6.15 -10.63 -22.90
C LEU B 100 -6.54 -9.46 -23.81
N SER B 101 -6.80 -9.77 -25.07
CA SER B 101 -7.20 -8.77 -26.06
C SER B 101 -8.62 -8.29 -25.77
N PRO B 102 -9.05 -7.17 -26.40
CA PRO B 102 -10.42 -6.68 -26.26
C PRO B 102 -11.49 -7.73 -26.59
N VAL B 103 -11.11 -8.78 -27.33
CA VAL B 103 -12.02 -9.87 -27.64
C VAL B 103 -12.57 -10.47 -26.35
N PHE B 104 -11.71 -10.58 -25.36
CA PHE B 104 -12.11 -11.08 -24.05
C PHE B 104 -12.71 -9.98 -23.19
N THR B 105 -11.94 -8.91 -23.00
CA THR B 105 -12.27 -7.87 -22.02
C THR B 105 -13.58 -7.11 -22.30
N LYS B 106 -13.98 -7.04 -23.56
CA LYS B 106 -15.20 -6.32 -23.94
C LYS B 106 -16.43 -7.21 -23.90
N ASN B 107 -16.23 -8.51 -23.73
CA ASN B 107 -17.32 -9.48 -23.81
C ASN B 107 -17.50 -10.33 -22.56
N ILE B 108 -16.50 -10.36 -21.69
CA ILE B 108 -16.59 -11.16 -20.47
C ILE B 108 -16.51 -10.34 -19.19
N LYS B 109 -17.50 -10.49 -18.32
CA LYS B 109 -17.46 -9.86 -17.01
C LYS B 109 -16.51 -10.65 -16.11
N ALA B 110 -15.35 -10.08 -15.82
CA ALA B 110 -14.31 -10.82 -15.11
C ALA B 110 -13.60 -10.00 -14.03
N ILE B 111 -13.05 -10.72 -13.05
CA ILE B 111 -12.22 -10.11 -12.02
C ILE B 111 -10.85 -10.79 -12.01
N ASN B 112 -9.84 -10.10 -11.47
CA ASN B 112 -8.49 -10.64 -11.45
C ASN B 112 -7.84 -10.51 -10.08
N LEU B 113 -7.02 -11.49 -9.74
CA LEU B 113 -6.26 -11.45 -8.49
C LEU B 113 -4.82 -11.03 -8.78
N HIS B 114 -4.34 -10.03 -8.03
CA HIS B 114 -2.99 -9.54 -8.20
C HIS B 114 -2.27 -9.41 -6.86
N PRO B 115 -1.07 -9.99 -6.76
CA PRO B 115 -0.30 -10.09 -5.51
C PRO B 115 0.42 -8.80 -5.13
N SER B 116 -0.24 -7.66 -5.24
CA SER B 116 0.36 -6.40 -4.81
C SER B 116 -0.73 -5.40 -4.44
N LEU B 117 -0.33 -4.30 -3.81
CA LEU B 117 -1.26 -3.23 -3.48
C LEU B 117 -1.40 -2.29 -4.67
N LEU B 118 -2.32 -2.62 -5.58
CA LEU B 118 -2.57 -1.82 -6.77
C LEU B 118 -2.89 -0.37 -6.42
N PRO B 119 -2.51 0.57 -7.29
CA PRO B 119 -1.92 0.39 -8.63
C PRO B 119 -0.41 0.14 -8.63
N LEU B 120 0.17 -0.22 -7.48
CA LEU B 120 1.60 -0.48 -7.40
C LEU B 120 1.96 -1.87 -7.90
N PHE B 121 3.14 -1.97 -8.51
CA PHE B 121 3.71 -3.25 -8.95
C PHE B 121 2.83 -4.05 -9.89
N LYS B 122 2.33 -3.40 -10.94
CA LYS B 122 1.63 -4.10 -12.00
C LYS B 122 2.64 -4.99 -12.73
N GLY B 123 2.16 -6.08 -13.32
CA GLY B 123 3.03 -7.01 -14.01
C GLY B 123 3.25 -8.29 -13.22
N ALA B 124 4.02 -9.20 -13.80
CA ALA B 124 4.19 -10.53 -13.23
C ALA B 124 5.41 -10.67 -12.32
N HIS B 125 5.94 -9.55 -11.83
CA HIS B 125 7.07 -9.58 -10.93
C HIS B 125 6.74 -8.83 -9.63
N ALA B 126 5.46 -8.79 -9.31
CA ALA B 126 4.96 -8.02 -8.16
C ALA B 126 5.55 -8.46 -6.83
N ILE B 127 5.51 -9.76 -6.56
CA ILE B 127 5.97 -10.31 -5.28
C ILE B 127 7.45 -10.02 -5.03
N LYS B 128 8.26 -10.20 -6.07
CA LYS B 128 9.70 -9.97 -5.95
C LYS B 128 9.99 -8.49 -5.79
N GLU B 129 9.32 -7.65 -6.57
CA GLU B 129 9.52 -6.21 -6.52
C GLU B 129 8.99 -5.59 -5.24
N SER B 130 7.87 -6.10 -4.74
CA SER B 130 7.28 -5.58 -3.52
C SER B 130 8.09 -5.98 -2.30
N TYR B 131 8.85 -7.06 -2.41
CA TYR B 131 9.71 -7.51 -1.33
C TYR B 131 11.01 -6.72 -1.30
N GLU B 132 11.62 -6.53 -2.46
CA GLU B 132 12.88 -5.80 -2.56
C GLU B 132 12.69 -4.30 -2.36
N SER B 133 11.46 -3.84 -2.50
CA SER B 133 11.15 -2.42 -2.35
C SER B 133 11.45 -1.92 -0.94
N ASP B 134 11.67 -0.62 -0.80
CA ASP B 134 11.94 -0.03 0.50
C ASP B 134 10.65 0.21 1.27
N LYS B 136 7.53 -0.69 3.61
CA LYS B 136 7.45 -1.52 4.81
C LYS B 136 6.12 -2.26 4.90
N VAL B 137 5.26 -2.06 3.90
CA VAL B 137 4.02 -2.82 3.81
C VAL B 137 3.83 -3.37 2.40
N ALA B 138 3.06 -4.45 2.30
CA ALA B 138 2.70 -5.04 1.02
C ALA B 138 1.34 -5.70 1.17
N GLY B 139 0.88 -6.38 0.12
CA GLY B 139 -0.40 -7.04 0.17
C GLY B 139 -0.91 -7.57 -1.16
N VAL B 140 -2.23 -7.68 -1.28
CA VAL B 140 -2.85 -8.21 -2.48
C VAL B 140 -4.05 -7.37 -2.89
N SER B 141 -4.56 -7.63 -4.10
CA SER B 141 -5.69 -6.87 -4.62
C SER B 141 -6.58 -7.73 -5.52
N VAL B 142 -7.87 -7.42 -5.52
CA VAL B 142 -8.81 -8.00 -6.47
C VAL B 142 -9.49 -6.85 -7.20
N HIS B 143 -9.51 -6.93 -8.52
CA HIS B 143 -10.05 -5.84 -9.33
C HIS B 143 -10.81 -6.35 -10.54
N TRP B 144 -11.76 -5.54 -11.01
CA TRP B 144 -12.48 -5.84 -12.24
C TRP B 144 -11.51 -5.81 -13.41
N VAL B 145 -11.85 -6.52 -14.48
CA VAL B 145 -10.98 -6.55 -15.66
C VAL B 145 -11.45 -5.59 -16.73
N SER B 146 -10.86 -4.40 -16.75
CA SER B 146 -11.18 -3.41 -17.76
C SER B 146 -10.32 -3.67 -19.00
N GLU B 147 -10.21 -2.67 -19.86
CA GLU B 147 -9.34 -2.76 -21.03
C GLU B 147 -7.91 -2.46 -20.62
N GLU B 148 -7.75 -1.68 -19.56
CA GLU B 148 -6.43 -1.34 -19.04
C GLU B 148 -5.84 -2.50 -18.25
N LEU B 149 -4.65 -2.93 -18.64
CA LEU B 149 -3.99 -4.07 -18.01
C LEU B 149 -3.72 -3.81 -16.53
N ASP B 150 -4.27 -4.69 -15.68
CA ASP B 150 -4.13 -4.57 -14.23
C ASP B 150 -4.66 -3.25 -13.68
N GLY B 151 -5.51 -2.58 -14.46
CA GLY B 151 -5.96 -1.24 -14.10
C GLY B 151 -7.44 -1.09 -13.86
N GLY B 152 -8.16 -2.20 -13.83
CA GLY B 152 -9.60 -2.17 -13.60
C GLY B 152 -9.96 -1.67 -12.22
N ILE B 154 -10.83 -1.36 -8.50
CA ILE B 154 -10.49 -2.18 -7.34
C ILE B 154 -11.70 -2.43 -6.47
N ILE B 155 -11.89 -3.69 -6.05
CA ILE B 155 -13.01 -4.06 -5.20
C ILE B 155 -12.58 -4.59 -3.83
N ALA B 156 -11.34 -5.05 -3.74
CA ALA B 156 -10.82 -5.60 -2.49
C ALA B 156 -9.30 -5.49 -2.36
N GLN B 157 -8.85 -5.13 -1.17
CA GLN B 157 -7.43 -5.04 -0.87
C GLN B 157 -7.14 -5.40 0.58
N LYS B 158 -6.04 -6.09 0.82
CA LYS B 158 -5.57 -6.36 2.18
C LYS B 158 -4.06 -6.19 2.26
N ALA B 159 -3.59 -5.66 3.39
CA ALA B 159 -2.17 -5.37 3.56
C ALA B 159 -1.59 -6.02 4.81
N PHE B 160 -0.30 -6.34 4.75
CA PHE B 160 0.42 -6.84 5.91
C PHE B 160 1.74 -6.09 6.04
N GLU B 161 2.23 -5.97 7.27
CA GLU B 161 3.50 -5.30 7.49
C GLU B 161 4.66 -6.24 7.19
N LYS B 162 5.63 -5.73 6.44
CA LYS B 162 6.75 -6.55 5.98
C LYS B 162 7.61 -7.03 7.14
N ARG B 163 7.93 -6.12 8.06
CA ARG B 163 8.71 -6.43 9.26
C ARG B 163 10.03 -7.16 8.96
N ASN B 164 10.10 -8.44 9.29
CA ASN B 164 11.31 -9.23 9.08
C ASN B 164 11.10 -10.61 8.47
N LEU B 165 10.23 -10.68 7.48
CA LEU B 165 10.00 -11.92 6.75
C LEU B 165 11.03 -12.08 5.64
N SER B 166 11.50 -13.31 5.42
CA SER B 166 12.34 -13.59 4.26
C SER B 166 11.44 -13.69 3.05
N PHE B 167 12.02 -13.71 1.85
CA PHE B 167 11.22 -13.78 0.63
C PHE B 167 10.40 -15.06 0.56
N GLU B 168 10.94 -16.14 1.12
CA GLU B 168 10.22 -17.41 1.17
C GLU B 168 8.99 -17.28 2.08
N GLU B 169 9.15 -16.55 3.17
CA GLU B 169 8.07 -16.34 4.13
C GLU B 169 7.14 -15.22 3.64
N PHE B 170 7.72 -14.25 2.96
CA PHE B 170 6.97 -13.15 2.37
C PHE B 170 5.98 -13.70 1.36
N GLU B 171 6.45 -14.61 0.52
CA GLU B 171 5.64 -15.21 -0.53
C GLU B 171 4.49 -16.03 0.06
N GLU B 172 4.78 -16.72 1.16
CA GLU B 172 3.76 -17.51 1.86
C GLU B 172 2.62 -16.62 2.35
N LYS B 173 2.99 -15.49 2.95
CA LYS B 173 2.02 -14.53 3.46
C LYS B 173 1.17 -13.95 2.33
N ILE B 174 1.80 -13.73 1.18
CA ILE B 174 1.11 -13.21 0.00
C ILE B 174 0.05 -14.18 -0.48
N HIS B 175 0.44 -15.44 -0.67
CA HIS B 175 -0.49 -16.47 -1.11
C HIS B 175 -1.52 -16.77 -0.03
N SER B 176 -1.15 -16.52 1.23
CA SER B 176 -2.08 -16.68 2.33
C SER B 176 -3.24 -15.70 2.20
N LEU B 177 -2.92 -14.45 1.93
CA LEU B 177 -3.91 -13.40 1.77
C LEU B 177 -4.73 -13.62 0.51
N GLU B 178 -4.08 -14.15 -0.53
CA GLU B 178 -4.73 -14.45 -1.80
C GLU B 178 -5.87 -15.43 -1.61
N HIS B 179 -5.61 -16.48 -0.87
CA HIS B 179 -6.59 -17.54 -0.63
C HIS B 179 -7.77 -17.03 0.18
N GLU B 180 -7.53 -16.00 0.99
CA GLU B 180 -8.58 -15.43 1.82
C GLU B 180 -9.41 -14.42 1.05
N ILE B 181 -8.74 -13.52 0.33
CA ILE B 181 -9.40 -12.36 -0.25
C ILE B 181 -10.21 -12.65 -1.52
N LEU B 182 -9.74 -13.61 -2.33
CA LEU B 182 -10.39 -13.88 -3.61
C LEU B 182 -11.81 -14.47 -3.51
N PRO B 183 -12.01 -15.53 -2.70
CA PRO B 183 -13.38 -16.04 -2.58
C PRO B 183 -14.32 -15.04 -1.91
N LEU B 184 -13.78 -14.24 -1.00
CA LEU B 184 -14.57 -13.22 -0.32
C LEU B 184 -15.00 -12.14 -1.29
N SER B 185 -14.14 -11.85 -2.25
CA SER B 185 -14.43 -10.85 -3.28
C SER B 185 -15.66 -11.30 -4.09
N VAL B 186 -15.65 -12.56 -4.52
CA VAL B 186 -16.75 -13.12 -5.29
C VAL B 186 -18.07 -13.04 -4.52
N ILE B 187 -18.02 -13.37 -3.24
CA ILE B 187 -19.19 -13.27 -2.37
C ILE B 187 -19.65 -11.83 -2.24
N GLU B 188 -18.70 -10.92 -2.02
CA GLU B 188 -19.00 -9.50 -1.86
C GLU B 188 -19.72 -8.92 -3.09
N ILE B 189 -19.34 -9.41 -4.27
CA ILE B 189 -19.96 -8.95 -5.52
C ILE B 189 -21.43 -9.32 -5.59
N PHE B 190 -21.76 -10.54 -5.15
CA PHE B 190 -23.14 -11.03 -5.26
C PHE B 190 -23.96 -10.83 -3.99
N SER B 191 -23.64 -9.86 -3.17
CA SER B 191 -24.57 -9.53 -2.14
C SER B 191 -24.88 -8.05 -2.16
#